data_5O51
#
_entry.id   5O51
#
_cell.length_a   77.980
_cell.length_b   93.710
_cell.length_c   52.600
_cell.angle_alpha   90.00
_cell.angle_beta   90.00
_cell.angle_gamma   90.00
#
_symmetry.space_group_name_H-M   'P 21 21 2'
#
loop_
_entity.id
_entity.type
_entity.pdbx_description
1 polymer 'Rho guanyl nucleotide exchange factor (Rom2), putative'
2 water water
#
_entity_poly.entity_id   1
_entity_poly.type   'polypeptide(L)'
_entity_poly.pdbx_seq_one_letter_code
;HHHHHHNKTVLCSNFFTSANRVNCLVPVDGGRKLVYGTDSGIFISERWPKDKSAKPRRVLDASQVTQIDTLEEYQLLLVL
ANKTLSSYPMEALELAEGQNSVAKRPKKIQGHANFFKAGIGLGRHLVCSVKTSALSSTIKVYEPMDNLAKGKKKSAVSKM
FQSGQDTLKPFKEYYIPAESSSIHFLRSTLCVGCARGFEVVSLETTETQSLLDQADTSLDFVARKENVKPIHIERMNGEF
LLNYSDFSFFVNRNGWRARPDWKISWEGNPNAFALSYPYILAFEPNFIEIRHIETSELIHIMTGKNIRMLHSSTREILYA
YEDEGGEDVVASLDFWNK
;
_entity_poly.pdbx_strand_id   A
#
# COMPACT_ATOMS: atom_id res chain seq x y z
N ASN A 7 -2.56 -10.88 18.80
CA ASN A 7 -1.16 -10.88 19.14
C ASN A 7 -0.28 -10.00 18.26
N LYS A 8 0.57 -9.30 18.96
CA LYS A 8 1.68 -8.55 18.41
C LYS A 8 2.95 -9.35 18.65
N THR A 9 3.75 -9.58 17.60
CA THR A 9 5.13 -10.11 17.78
C THR A 9 6.19 -9.18 17.18
N VAL A 10 7.23 -8.85 17.95
CA VAL A 10 8.42 -8.18 17.42
C VAL A 10 9.26 -9.10 16.52
N LEU A 11 9.37 -8.78 15.23
CA LEU A 11 10.23 -9.53 14.29
C LEU A 11 11.70 -9.08 14.29
N CYS A 12 11.98 -7.78 14.26
CA CYS A 12 13.40 -7.26 14.13
C CYS A 12 13.47 -5.91 14.80
N SER A 13 14.07 -5.88 15.98
CA SER A 13 14.27 -4.67 16.75
C SER A 13 15.78 -4.27 16.83
N ASN A 14 16.67 -5.09 16.25
CA ASN A 14 18.14 -4.92 16.46
C ASN A 14 18.91 -4.24 15.36
N PHE A 15 18.45 -4.38 14.10
CA PHE A 15 19.28 -4.13 12.95
C PHE A 15 19.06 -2.74 12.36
N PHE A 16 17.82 -2.26 12.28
CA PHE A 16 17.50 -0.97 11.61
C PHE A 16 17.44 0.06 12.75
N THR A 17 17.89 1.27 12.47
CA THR A 17 18.13 2.30 13.49
C THR A 17 17.75 3.62 12.93
N SER A 18 17.84 4.62 13.81
CA SER A 18 17.74 6.01 13.41
C SER A 18 18.70 6.38 12.24
N ALA A 19 19.80 5.67 12.04
CA ALA A 19 20.63 5.95 10.83
C ALA A 19 19.83 5.74 9.51
N ASN A 20 18.96 4.72 9.46
CA ASN A 20 18.53 4.24 8.14
C ASN A 20 17.29 3.34 8.44
N ARG A 21 16.15 4.01 8.58
CA ARG A 21 14.89 3.35 8.97
C ARG A 21 14.31 2.51 7.82
N VAL A 22 13.40 1.63 8.16
CA VAL A 22 12.61 0.89 7.16
C VAL A 22 11.55 1.78 6.49
N ASN A 23 11.66 2.03 5.19
CA ASN A 23 10.66 2.80 4.52
C ASN A 23 9.48 1.92 4.01
N CYS A 24 9.81 0.70 3.54
CA CYS A 24 8.84 -0.21 2.88
C CYS A 24 9.29 -1.65 2.97
N LEU A 25 8.40 -2.57 2.62
CA LEU A 25 8.69 -3.99 2.78
C LEU A 25 7.72 -4.78 1.91
N VAL A 26 8.18 -5.90 1.36
CA VAL A 26 7.28 -6.89 0.77
C VAL A 26 7.77 -8.30 1.09
N PRO A 27 6.85 -9.23 1.43
CA PRO A 27 7.21 -10.63 1.66
C PRO A 27 7.36 -11.35 0.32
N VAL A 28 8.25 -12.31 0.22
CA VAL A 28 8.39 -13.11 -1.04
C VAL A 28 8.51 -14.58 -0.62
N ASP A 29 8.54 -15.48 -1.60
CA ASP A 29 8.80 -16.90 -1.35
C ASP A 29 7.75 -17.45 -0.41
N GLY A 30 6.49 -17.23 -0.78
CA GLY A 30 5.34 -17.58 0.04
C GLY A 30 5.38 -17.04 1.45
N GLY A 31 5.97 -15.86 1.66
CA GLY A 31 5.97 -15.28 3.02
C GLY A 31 7.11 -15.81 3.87
N ARG A 32 7.95 -16.63 3.29
CA ARG A 32 9.11 -17.15 4.06
C ARG A 32 10.31 -16.20 4.14
N LYS A 33 10.37 -15.21 3.25
CA LYS A 33 11.37 -14.15 3.38
C LYS A 33 10.77 -12.73 3.26
N LEU A 34 11.48 -11.78 3.89
CA LEU A 34 11.07 -10.37 3.87
C LEU A 34 12.11 -9.52 3.15
N VAL A 35 11.66 -8.69 2.22
CA VAL A 35 12.53 -7.78 1.53
C VAL A 35 12.23 -6.31 1.97
N TYR A 36 13.26 -5.62 2.47
CA TYR A 36 13.19 -4.27 3.08
C TYR A 36 13.80 -3.22 2.19
N GLY A 37 13.11 -2.09 2.04
CA GLY A 37 13.66 -0.90 1.31
C GLY A 37 13.95 0.24 2.32
N THR A 38 15.15 0.78 2.24
CA THR A 38 15.57 1.95 3.05
C THR A 38 16.18 3.07 2.20
N ASP A 39 16.58 4.14 2.87
CA ASP A 39 17.30 5.27 2.22
C ASP A 39 18.66 4.90 1.59
N SER A 40 19.28 3.79 1.98
CA SER A 40 20.59 3.41 1.50
C SER A 40 20.67 2.14 0.64
N GLY A 41 19.72 1.24 0.78
CA GLY A 41 19.81 -0.09 0.16
C GLY A 41 18.55 -0.97 0.39
N ILE A 42 18.55 -2.15 -0.23
CA ILE A 42 17.54 -3.20 -0.12
C ILE A 42 18.21 -4.41 0.56
N PHE A 43 17.50 -4.96 1.54
CA PHE A 43 17.99 -6.10 2.37
C PHE A 43 16.98 -7.25 2.32
N ILE A 44 17.45 -8.48 2.56
CA ILE A 44 16.57 -9.67 2.69
C ILE A 44 16.91 -10.44 3.94
N SER A 45 15.88 -10.92 4.65
CA SER A 45 16.04 -11.85 5.78
C SER A 45 15.00 -12.97 5.63
N GLU A 46 15.12 -13.97 6.48
CA GLU A 46 14.18 -15.09 6.62
C GLU A 46 13.15 -14.67 7.61
N ARG A 47 11.90 -14.93 7.27
CA ARG A 47 10.79 -14.70 8.18
C ARG A 47 10.87 -15.57 9.41
N TRP A 48 11.38 -16.80 9.29
CA TRP A 48 11.58 -17.73 10.41
C TRP A 48 13.00 -18.30 10.39
N PRO A 49 13.99 -17.50 10.83
CA PRO A 49 15.36 -17.98 10.75
C PRO A 49 15.65 -19.08 11.78
N LYS A 50 16.42 -20.07 11.38
CA LYS A 50 16.89 -21.13 12.27
C LYS A 50 17.84 -20.56 13.29
N ASP A 51 18.77 -19.75 12.80
CA ASP A 51 19.78 -19.09 13.64
C ASP A 51 19.40 -17.64 13.90
N LYS A 52 19.36 -17.29 15.18
CA LYS A 52 18.88 -16.00 15.65
C LYS A 52 19.95 -14.92 15.76
N SER A 53 21.22 -15.28 15.51
CA SER A 53 22.26 -14.27 15.22
C SER A 53 22.29 -13.80 13.74
N ALA A 54 21.33 -14.26 12.92
CA ALA A 54 21.31 -13.93 11.49
C ALA A 54 20.83 -12.50 11.32
N LYS A 55 21.50 -11.75 10.48
CA LYS A 55 21.12 -10.36 10.22
C LYS A 55 20.51 -10.31 8.86
N PRO A 56 19.60 -9.35 8.58
CA PRO A 56 19.26 -9.15 7.16
C PRO A 56 20.57 -8.94 6.33
N ARG A 57 20.59 -9.32 5.06
CA ARG A 57 21.78 -9.07 4.20
C ARG A 57 21.50 -8.17 3.01
N ARG A 58 22.45 -7.34 2.67
CA ARG A 58 22.31 -6.36 1.65
C ARG A 58 22.31 -7.09 0.35
N VAL A 59 21.35 -6.75 -0.50
CA VAL A 59 21.24 -7.42 -1.82
C VAL A 59 21.27 -6.48 -2.98
N LEU A 60 20.79 -5.28 -2.81
CA LEU A 60 20.92 -4.31 -3.88
C LEU A 60 21.35 -2.97 -3.31
N ASP A 61 22.27 -2.26 -4.01
CA ASP A 61 22.52 -0.86 -3.67
C ASP A 61 21.48 -0.06 -4.43
N ALA A 62 20.93 0.93 -3.78
CA ALA A 62 19.83 1.74 -4.36
C ALA A 62 19.46 2.62 -3.25
N SER A 63 19.14 3.85 -3.58
CA SER A 63 18.98 4.85 -2.60
C SER A 63 17.58 5.42 -2.62
N GLN A 64 17.11 5.95 -1.49
CA GLN A 64 15.76 6.56 -1.37
C GLN A 64 14.64 5.59 -1.80
N VAL A 65 14.72 4.33 -1.39
CA VAL A 65 13.70 3.29 -1.80
C VAL A 65 12.42 3.54 -1.01
N THR A 66 11.40 4.11 -1.68
CA THR A 66 10.17 4.44 -0.98
C THR A 66 9.02 3.45 -1.18
N GLN A 67 9.05 2.60 -2.22
CA GLN A 67 7.99 1.61 -2.42
C GLN A 67 8.58 0.38 -3.13
N ILE A 68 8.09 -0.79 -2.74
CA ILE A 68 8.58 -2.06 -3.22
C ILE A 68 7.43 -3.10 -3.27
N ASP A 69 7.44 -3.93 -4.30
CA ASP A 69 6.44 -4.99 -4.50
C ASP A 69 7.02 -6.07 -5.43
N THR A 70 6.21 -7.09 -5.72
CA THR A 70 6.56 -8.22 -6.64
C THR A 70 5.45 -8.49 -7.65
N LEU A 71 5.79 -9.13 -8.79
CA LEU A 71 4.86 -9.92 -9.65
C LEU A 71 5.36 -11.34 -9.62
N GLU A 72 4.82 -12.16 -8.75
CA GLU A 72 5.46 -13.46 -8.45
C GLU A 72 5.36 -14.42 -9.64
N GLU A 73 4.31 -14.22 -10.44
CA GLU A 73 4.03 -15.06 -11.61
C GLU A 73 5.11 -14.90 -12.68
N TYR A 74 5.64 -13.66 -12.78
CA TYR A 74 6.71 -13.27 -13.73
C TYR A 74 8.10 -13.14 -13.09
N GLN A 75 8.21 -13.56 -11.84
CA GLN A 75 9.45 -13.50 -11.10
C GLN A 75 10.14 -12.10 -11.23
N LEU A 76 9.34 -11.03 -11.04
CA LEU A 76 9.84 -9.65 -11.05
C LEU A 76 9.72 -8.97 -9.67
N LEU A 77 10.83 -8.36 -9.26
CA LEU A 77 10.84 -7.41 -8.19
C LEU A 77 10.64 -5.97 -8.73
N LEU A 78 9.64 -5.27 -8.22
CA LEU A 78 9.34 -3.86 -8.57
C LEU A 78 9.81 -2.86 -7.48
N VAL A 79 10.64 -1.90 -7.90
CA VAL A 79 11.31 -0.98 -6.96
C VAL A 79 11.17 0.49 -7.38
N LEU A 80 10.64 1.33 -6.47
CA LEU A 80 10.57 2.77 -6.64
C LEU A 80 11.66 3.42 -5.75
N ALA A 81 12.74 3.95 -6.39
CA ALA A 81 13.96 4.46 -5.71
C ALA A 81 14.26 5.86 -6.26
N ASN A 82 14.18 6.84 -5.40
CA ASN A 82 14.41 8.24 -5.78
C ASN A 82 13.66 8.58 -7.04
N LYS A 83 12.37 8.24 -7.00
CA LYS A 83 11.36 8.53 -8.04
C LYS A 83 11.47 7.81 -9.34
N THR A 84 12.38 6.85 -9.40
CA THR A 84 12.53 6.02 -10.58
C THR A 84 12.02 4.62 -10.26
N LEU A 85 11.10 4.16 -11.12
CA LEU A 85 10.50 2.84 -11.07
C LEU A 85 11.23 1.88 -11.95
N SER A 86 11.64 0.73 -11.41
CA SER A 86 12.43 -0.27 -12.15
C SER A 86 12.05 -1.70 -11.79
N SER A 87 12.36 -2.63 -12.67
CA SER A 87 12.23 -4.01 -12.38
C SER A 87 13.58 -4.69 -12.19
N TYR A 88 13.61 -5.74 -11.41
CA TYR A 88 14.77 -6.63 -11.33
C TYR A 88 14.26 -8.06 -11.43
N PRO A 89 15.03 -8.97 -12.00
CA PRO A 89 14.56 -10.35 -11.85
C PRO A 89 14.73 -10.84 -10.39
N MET A 90 13.85 -11.72 -10.00
CA MET A 90 13.86 -12.24 -8.61
C MET A 90 15.12 -12.98 -8.24
N GLU A 91 15.80 -13.55 -9.22
CA GLU A 91 17.11 -14.12 -8.92
C GLU A 91 18.13 -13.09 -8.38
N ALA A 92 17.96 -11.78 -8.64
CA ALA A 92 18.75 -10.74 -7.91
C ALA A 92 18.85 -10.96 -6.38
N LEU A 93 17.83 -11.60 -5.82
CA LEU A 93 17.80 -11.85 -4.40
C LEU A 93 18.58 -13.10 -3.96
N GLU A 94 19.02 -13.97 -4.88
CA GLU A 94 19.68 -15.25 -4.50
C GLU A 94 21.00 -15.03 -3.73
N LEU A 95 21.32 -15.97 -2.83
CA LEU A 95 22.64 -16.03 -2.16
C LEU A 95 23.78 -16.22 -3.18
N ALA A 96 23.60 -17.20 -4.07
CA ALA A 96 24.51 -17.48 -5.20
C ALA A 96 24.93 -16.27 -6.08
N GLU A 97 24.13 -15.20 -6.17
CA GLU A 97 24.49 -14.00 -6.97
C GLU A 97 25.49 -13.07 -6.30
N GLY A 98 26.51 -12.66 -7.06
CA GLY A 98 27.53 -11.71 -6.62
C GLY A 98 27.26 -10.26 -7.03
N GLN A 99 28.08 -9.36 -6.49
CA GLN A 99 27.91 -7.88 -6.55
C GLN A 99 27.76 -7.29 -7.95
N ASN A 100 28.48 -7.82 -8.94
CA ASN A 100 28.37 -7.30 -10.33
C ASN A 100 27.50 -8.12 -11.27
N SER A 101 26.92 -9.23 -10.80
CA SER A 101 26.13 -10.13 -11.69
C SER A 101 24.99 -9.38 -12.42
N VAL A 102 24.74 -9.81 -13.65
CA VAL A 102 23.73 -9.19 -14.49
C VAL A 102 22.27 -9.26 -13.90
N ALA A 103 21.97 -10.25 -13.06
CA ALA A 103 20.69 -10.28 -12.29
C ALA A 103 20.41 -9.06 -11.39
N LYS A 104 21.45 -8.41 -10.83
CA LYS A 104 21.26 -7.17 -10.06
C LYS A 104 21.22 -5.94 -10.94
N ARG A 105 21.14 -6.10 -12.25
CA ARG A 105 20.97 -4.91 -13.15
C ARG A 105 19.51 -4.39 -13.23
N PRO A 106 19.29 -3.09 -12.99
CA PRO A 106 17.89 -2.65 -13.12
C PRO A 106 17.43 -2.44 -14.53
N LYS A 107 16.16 -2.71 -14.79
CA LYS A 107 15.48 -2.30 -16.00
C LYS A 107 14.56 -1.11 -15.68
N LYS A 108 14.89 0.08 -16.20
CA LYS A 108 14.01 1.28 -16.07
C LYS A 108 12.60 1.08 -16.64
N ILE A 109 11.58 1.41 -15.87
CA ILE A 109 10.21 1.28 -16.40
C ILE A 109 9.72 2.68 -16.68
N GLN A 110 9.84 3.55 -15.70
CA GLN A 110 9.49 4.92 -15.82
C GLN A 110 10.45 5.77 -14.98
N GLY A 111 10.84 6.90 -15.59
CA GLY A 111 11.81 7.82 -15.06
C GLY A 111 11.49 8.62 -13.84
N HIS A 112 10.24 9.10 -13.77
CA HIS A 112 9.78 10.01 -12.71
C HIS A 112 8.44 9.43 -12.25
N ALA A 113 8.29 9.08 -10.98
CA ALA A 113 7.02 8.52 -10.46
C ALA A 113 6.94 8.77 -8.99
N ASN A 114 5.77 9.10 -8.54
CA ASN A 114 5.50 9.32 -7.13
C ASN A 114 4.96 8.08 -6.36
N PHE A 115 4.11 7.26 -6.97
CA PHE A 115 3.72 5.93 -6.44
C PHE A 115 3.32 4.97 -7.55
N PHE A 116 3.15 3.69 -7.18
CA PHE A 116 2.67 2.70 -8.10
C PHE A 116 1.76 1.65 -7.48
N LYS A 117 1.09 0.87 -8.32
CA LYS A 117 0.25 -0.24 -7.89
C LYS A 117 0.22 -1.37 -8.94
N ALA A 118 0.49 -2.59 -8.49
CA ALA A 118 0.46 -3.78 -9.33
C ALA A 118 -0.69 -4.63 -8.89
N GLY A 119 -1.64 -4.86 -9.79
CA GLY A 119 -2.73 -5.78 -9.53
C GLY A 119 -3.24 -6.48 -10.76
N ILE A 120 -4.08 -7.49 -10.52
CA ILE A 120 -4.82 -8.13 -11.60
C ILE A 120 -5.92 -7.15 -12.05
N GLY A 121 -5.99 -6.92 -13.35
CA GLY A 121 -6.89 -5.92 -13.89
C GLY A 121 -6.79 -6.24 -15.35
N LEU A 122 -7.93 -6.61 -15.93
CA LEU A 122 -7.92 -7.38 -17.15
C LEU A 122 -8.13 -6.46 -18.37
N GLY A 123 -7.72 -6.90 -19.57
CA GLY A 123 -6.97 -8.16 -19.82
C GLY A 123 -5.50 -8.10 -19.42
N ARG A 124 -4.80 -9.23 -19.58
CA ARG A 124 -3.48 -9.45 -18.94
C ARG A 124 -3.54 -9.09 -17.44
N HIS A 125 -2.40 -8.89 -16.80
CA HIS A 125 -2.40 -8.21 -15.52
C HIS A 125 -1.23 -7.26 -15.37
N LEU A 126 -1.34 -6.29 -14.46
CA LEU A 126 -0.85 -4.92 -14.71
C LEU A 126 -0.04 -4.24 -13.62
N VAL A 127 0.66 -3.17 -14.01
CA VAL A 127 1.42 -2.27 -13.13
C VAL A 127 1.07 -0.80 -13.50
N CYS A 128 0.60 0.04 -12.57
CA CYS A 128 0.38 1.49 -12.83
C CYS A 128 1.36 2.31 -12.09
N SER A 129 1.90 3.32 -12.75
CA SER A 129 2.72 4.37 -12.12
C SER A 129 2.05 5.73 -12.24
N VAL A 130 2.04 6.48 -11.16
CA VAL A 130 1.32 7.72 -11.03
C VAL A 130 2.31 8.82 -10.70
N LYS A 131 2.42 9.82 -11.58
CA LYS A 131 2.92 11.15 -11.20
C LYS A 131 1.79 12.06 -10.70
N THR A 132 2.03 12.84 -9.67
CA THR A 132 0.96 13.66 -9.10
C THR A 132 1.56 14.89 -8.44
N SER A 133 0.81 15.98 -8.44
CA SER A 133 1.13 17.20 -7.68
C SER A 133 -0.20 17.77 -7.17
N ALA A 134 -0.17 18.86 -6.38
CA ALA A 134 -1.37 19.71 -6.21
C ALA A 134 -1.45 20.46 -7.54
N LEU A 135 -2.48 20.15 -8.34
CA LEU A 135 -2.57 20.47 -9.78
C LEU A 135 -3.19 19.25 -10.48
N SER A 136 -2.40 18.20 -10.71
CA SER A 136 -2.86 17.10 -11.54
C SER A 136 -2.08 15.79 -11.30
N SER A 137 -2.46 14.78 -12.09
CA SER A 137 -1.95 13.43 -11.95
C SER A 137 -1.89 12.75 -13.31
N THR A 138 -0.81 12.05 -13.59
CA THR A 138 -0.66 11.32 -14.85
C THR A 138 -0.48 9.86 -14.53
N ILE A 139 -1.30 9.01 -15.14
CA ILE A 139 -1.30 7.59 -14.84
C ILE A 139 -0.85 6.77 -16.05
N LYS A 140 0.14 5.90 -15.86
CA LYS A 140 0.62 5.02 -16.91
C LYS A 140 0.45 3.57 -16.51
N VAL A 141 0.11 2.73 -17.48
CA VAL A 141 -0.32 1.36 -17.23
C VAL A 141 0.58 0.42 -18.06
N TYR A 142 0.92 -0.78 -17.58
CA TYR A 142 1.97 -1.64 -18.22
C TYR A 142 1.62 -3.10 -18.18
N GLU A 143 2.10 -3.86 -19.17
CA GLU A 143 1.73 -5.28 -19.28
C GLU A 143 2.97 -6.14 -19.49
N PRO A 144 2.98 -7.39 -18.98
CA PRO A 144 4.08 -8.33 -19.21
C PRO A 144 4.62 -8.49 -20.64
N THR A 167 9.69 -9.16 -18.89
CA THR A 167 9.85 -7.88 -19.55
C THR A 167 8.54 -7.07 -19.73
N LEU A 168 8.54 -5.82 -19.25
CA LEU A 168 7.33 -4.97 -19.24
C LEU A 168 7.24 -3.91 -20.36
N LYS A 169 6.11 -3.90 -21.06
CA LYS A 169 5.84 -2.97 -22.17
C LYS A 169 4.68 -2.03 -21.79
N PRO A 170 4.75 -0.71 -22.17
CA PRO A 170 3.60 0.19 -21.92
C PRO A 170 2.32 -0.26 -22.64
N PHE A 171 1.22 0.42 -22.35
CA PHE A 171 -0.10 -0.06 -22.76
C PHE A 171 -1.15 1.06 -22.90
N LYS A 172 -1.47 1.76 -21.81
CA LYS A 172 -2.44 2.86 -21.85
C LYS A 172 -2.00 3.94 -20.87
N GLU A 173 -2.41 5.17 -21.13
CA GLU A 173 -2.04 6.33 -20.30
C GLU A 173 -3.32 7.10 -19.99
N TYR A 174 -3.34 7.92 -18.95
CA TYR A 174 -4.52 8.72 -18.57
C TYR A 174 -4.08 10.02 -17.93
N TYR A 175 -4.99 10.98 -17.91
CA TYR A 175 -4.78 12.28 -17.27
C TYR A 175 -5.93 12.57 -16.30
N ILE A 176 -5.63 13.25 -15.19
CA ILE A 176 -6.61 13.51 -14.11
C ILE A 176 -6.29 14.91 -13.56
N PRO A 177 -7.28 15.83 -13.59
CA PRO A 177 -7.02 17.19 -13.08
C PRO A 177 -7.22 17.32 -11.57
N ALA A 178 -6.44 16.54 -10.79
CA ALA A 178 -6.36 16.65 -9.31
C ALA A 178 -5.17 15.88 -8.68
N GLU A 179 -4.78 16.31 -7.47
CA GLU A 179 -3.81 15.58 -6.65
C GLU A 179 -4.38 14.20 -6.22
N SER A 180 -3.62 13.11 -6.48
CA SER A 180 -4.03 11.72 -6.17
C SER A 180 -3.31 11.11 -4.97
N SER A 181 -4.10 10.60 -4.00
CA SER A 181 -3.64 9.84 -2.83
C SER A 181 -3.37 8.35 -3.12
N SER A 182 -4.22 7.70 -3.92
CA SER A 182 -4.15 6.24 -4.05
C SER A 182 -4.76 5.68 -5.33
N ILE A 183 -4.52 4.41 -5.59
CA ILE A 183 -5.12 3.74 -6.74
C ILE A 183 -5.50 2.26 -6.52
N HIS A 184 -6.65 1.86 -7.04
CA HIS A 184 -7.23 0.53 -6.79
C HIS A 184 -7.75 -0.07 -8.09
N PHE A 185 -7.53 -1.36 -8.25
CA PHE A 185 -8.09 -2.12 -9.38
C PHE A 185 -9.45 -2.60 -9.00
N LEU A 186 -10.48 -2.15 -9.73
CA LEU A 186 -11.85 -2.66 -9.60
C LEU A 186 -12.31 -3.25 -10.92
N ARG A 187 -12.08 -4.56 -11.10
CA ARG A 187 -12.50 -5.34 -12.29
C ARG A 187 -12.92 -4.52 -13.53
N SER A 188 -11.94 -4.24 -14.39
CA SER A 188 -12.12 -3.53 -15.68
C SER A 188 -11.92 -2.05 -15.54
N THR A 189 -11.80 -1.57 -14.32
CA THR A 189 -11.59 -0.16 -14.12
C THR A 189 -10.56 0.13 -13.06
N LEU A 190 -9.96 1.31 -13.16
CA LEU A 190 -9.15 1.90 -12.09
C LEU A 190 -9.93 2.94 -11.28
N CYS A 191 -9.92 2.79 -9.95
CA CYS A 191 -10.50 3.76 -9.02
C CYS A 191 -9.36 4.56 -8.35
N VAL A 192 -9.35 5.85 -8.62
CA VAL A 192 -8.30 6.73 -8.17
C VAL A 192 -8.82 7.55 -7.00
N GLY A 193 -8.01 7.59 -5.94
CA GLY A 193 -8.28 8.37 -4.74
C GLY A 193 -7.61 9.71 -4.95
N CYS A 194 -8.39 10.76 -5.18
CA CYS A 194 -7.86 12.07 -5.56
C CYS A 194 -8.58 13.04 -4.67
N ALA A 195 -8.18 14.29 -4.65
CA ALA A 195 -8.74 15.27 -3.69
C ALA A 195 -10.27 15.50 -3.73
N ARG A 196 -10.94 15.18 -4.82
CA ARG A 196 -12.39 15.37 -4.94
C ARG A 196 -13.18 14.13 -4.54
N GLY A 197 -12.46 13.01 -4.45
CA GLY A 197 -13.02 11.73 -4.03
C GLY A 197 -12.46 10.58 -4.85
N PHE A 198 -13.06 9.44 -4.63
CA PHE A 198 -12.82 8.30 -5.49
C PHE A 198 -13.45 8.53 -6.90
N GLU A 199 -12.62 8.55 -7.95
CA GLU A 199 -13.12 8.72 -9.32
C GLU A 199 -12.75 7.48 -10.15
N VAL A 200 -13.78 6.87 -10.73
CA VAL A 200 -13.65 5.63 -11.48
C VAL A 200 -13.30 5.94 -12.94
N VAL A 201 -12.33 5.20 -13.49
CA VAL A 201 -11.71 5.50 -14.79
C VAL A 201 -11.62 4.22 -15.60
N SER A 202 -12.04 4.29 -16.84
CA SER A 202 -12.27 3.09 -17.64
C SER A 202 -10.98 2.66 -18.32
N LEU A 203 -10.58 1.40 -18.15
CA LEU A 203 -9.33 0.88 -18.78
C LEU A 203 -9.36 0.93 -20.33
N GLU A 204 -10.15 0.08 -21.00
CA GLU A 204 -10.53 0.31 -22.43
C GLU A 204 -11.66 1.33 -22.40
N THR A 205 -11.88 2.05 -23.50
CA THR A 205 -12.75 3.27 -23.54
C THR A 205 -12.45 4.35 -22.49
N THR A 206 -13.15 5.50 -22.64
CA THR A 206 -13.38 6.53 -21.59
C THR A 206 -12.04 7.04 -20.93
N GLU A 207 -11.97 8.09 -20.11
CA GLU A 207 -13.06 8.91 -19.51
C GLU A 207 -13.53 8.28 -18.17
N THR A 208 -14.45 8.92 -17.46
CA THR A 208 -14.39 8.94 -15.99
C THR A 208 -15.69 9.42 -15.31
N GLN A 209 -15.98 8.87 -14.13
CA GLN A 209 -17.13 9.28 -13.30
C GLN A 209 -16.80 9.15 -11.80
N SER A 210 -17.40 10.00 -10.98
CA SER A 210 -17.28 9.87 -9.54
C SER A 210 -17.91 8.54 -9.12
N LEU A 211 -17.46 7.99 -8.00
CA LEU A 211 -18.02 6.76 -7.44
C LEU A 211 -19.28 6.98 -6.64
N LEU A 212 -19.27 7.99 -5.80
CA LEU A 212 -20.46 8.27 -4.97
C LEU A 212 -21.55 8.92 -5.83
N ASP A 213 -22.82 8.66 -5.50
CA ASP A 213 -23.97 9.23 -6.23
C ASP A 213 -24.41 10.58 -5.61
N GLN A 214 -24.29 11.67 -6.38
CA GLN A 214 -24.76 13.03 -5.97
C GLN A 214 -26.17 13.16 -5.31
N ALA A 215 -27.11 12.26 -5.62
CA ALA A 215 -28.47 12.31 -5.02
C ALA A 215 -28.59 11.71 -3.60
N ASP A 216 -27.60 10.93 -3.19
CA ASP A 216 -27.70 10.23 -1.90
C ASP A 216 -27.30 11.24 -0.84
N THR A 217 -28.30 11.57 -0.07
CA THR A 217 -28.30 12.70 0.78
C THR A 217 -27.64 12.27 2.06
N SER A 218 -27.66 10.95 2.33
CA SER A 218 -27.00 10.39 3.51
C SER A 218 -25.46 10.46 3.36
N LEU A 219 -24.97 10.79 2.15
CA LEU A 219 -23.55 11.03 1.87
C LEU A 219 -23.12 12.49 1.79
N ASP A 220 -23.94 13.39 2.32
CA ASP A 220 -23.60 14.81 2.30
C ASP A 220 -22.40 15.20 3.14
N PHE A 221 -22.13 14.49 4.24
CA PHE A 221 -20.93 14.74 5.05
C PHE A 221 -19.64 14.64 4.24
N VAL A 222 -19.61 13.74 3.28
CA VAL A 222 -18.45 13.64 2.43
C VAL A 222 -18.30 14.96 1.63
N ALA A 223 -19.41 15.41 1.05
CA ALA A 223 -19.48 16.62 0.15
C ALA A 223 -19.23 17.95 0.87
N ARG A 224 -19.69 18.02 2.12
CA ARG A 224 -19.33 19.10 3.07
C ARG A 224 -17.86 19.52 3.09
N LYS A 225 -16.96 18.54 3.01
CA LYS A 225 -15.59 18.74 3.47
C LYS A 225 -14.59 19.39 2.51
N GLU A 226 -14.80 19.24 1.19
CA GLU A 226 -13.72 19.40 0.18
C GLU A 226 -12.52 20.21 0.68
N ASN A 227 -11.33 19.61 0.90
CA ASN A 227 -10.88 18.32 0.30
C ASN A 227 -10.91 17.07 1.17
N VAL A 228 -10.65 15.94 0.52
CA VAL A 228 -10.60 14.64 1.20
C VAL A 228 -9.39 13.84 0.77
N LYS A 229 -9.09 12.83 1.58
CA LYS A 229 -8.05 11.92 1.19
C LYS A 229 -8.64 10.54 1.22
N PRO A 230 -9.02 10.02 0.03
CA PRO A 230 -9.48 8.66 -0.08
C PRO A 230 -8.25 7.77 -0.12
N ILE A 231 -8.23 6.77 0.76
CA ILE A 231 -7.02 5.98 0.99
C ILE A 231 -7.22 4.54 0.55
N HIS A 232 -8.34 3.91 0.87
CA HIS A 232 -8.42 2.46 0.71
C HIS A 232 -9.86 2.01 0.51
N ILE A 233 -10.00 0.99 -0.35
CA ILE A 233 -11.29 0.40 -0.71
C ILE A 233 -11.23 -1.09 -0.53
N GLU A 234 -12.25 -1.66 0.06
CA GLU A 234 -12.28 -3.09 0.33
C GLU A 234 -13.66 -3.67 0.00
N ARG A 235 -13.68 -4.77 -0.74
CA ARG A 235 -14.91 -5.49 -1.09
C ARG A 235 -15.35 -6.33 0.09
N MET A 236 -16.63 -6.27 0.47
CA MET A 236 -17.19 -7.28 1.43
C MET A 236 -18.60 -7.72 1.00
N ASN A 237 -18.75 -8.95 0.50
CA ASN A 237 -20.00 -9.39 -0.15
C ASN A 237 -20.16 -8.54 -1.40
N GLY A 238 -21.37 -8.06 -1.69
CA GLY A 238 -21.54 -7.00 -2.69
C GLY A 238 -21.62 -5.58 -2.16
N GLU A 239 -21.04 -5.31 -0.98
CA GLU A 239 -20.84 -3.92 -0.49
C GLU A 239 -19.31 -3.60 -0.56
N PHE A 240 -18.97 -2.32 -0.71
CA PHE A 240 -17.58 -1.85 -0.53
C PHE A 240 -17.44 -1.02 0.74
N LEU A 241 -16.40 -1.30 1.51
CA LEU A 241 -15.97 -0.45 2.62
C LEU A 241 -15.01 0.57 2.10
N LEU A 242 -15.39 1.84 2.23
CA LEU A 242 -14.60 2.98 1.77
C LEU A 242 -13.93 3.65 2.95
N ASN A 243 -12.62 3.87 2.84
CA ASN A 243 -11.78 4.37 3.94
C ASN A 243 -11.02 5.63 3.49
N TYR A 244 -11.36 6.73 4.14
CA TYR A 244 -10.70 8.01 3.92
C TYR A 244 -10.03 8.48 5.24
N SER A 245 -9.14 9.48 5.17
CA SER A 245 -8.45 9.93 6.37
C SER A 245 -9.44 10.39 7.44
N ASP A 246 -10.63 10.85 7.06
CA ASP A 246 -11.56 11.39 8.05
C ASP A 246 -12.64 10.43 8.54
N PHE A 247 -12.99 9.46 7.70
CA PHE A 247 -14.12 8.63 8.01
C PHE A 247 -14.12 7.38 7.20
N SER A 248 -14.89 6.40 7.68
CA SER A 248 -15.16 5.19 6.93
C SER A 248 -16.63 4.93 6.87
N PHE A 249 -17.08 4.38 5.72
CA PHE A 249 -18.45 3.89 5.61
C PHE A 249 -18.65 2.91 4.44
N PHE A 250 -19.84 2.30 4.40
CA PHE A 250 -20.14 1.30 3.34
C PHE A 250 -20.94 1.89 2.15
N VAL A 251 -20.69 1.40 0.93
CA VAL A 251 -21.61 1.64 -0.23
C VAL A 251 -21.98 0.33 -0.93
N ASN A 252 -22.99 0.40 -1.82
CA ASN A 252 -23.47 -0.78 -2.58
C ASN A 252 -22.90 -1.11 -3.98
N ARG A 253 -22.28 -0.16 -4.67
CA ARG A 253 -21.95 -0.33 -6.13
C ARG A 253 -23.09 0.31 -6.89
N ASN A 254 -22.74 1.30 -7.72
CA ASN A 254 -23.57 2.49 -7.96
C ASN A 254 -23.36 3.49 -6.82
N GLY A 255 -22.40 3.21 -5.94
CA GLY A 255 -22.02 4.10 -4.84
C GLY A 255 -23.15 4.73 -4.09
N TRP A 256 -24.11 3.89 -3.73
CA TRP A 256 -25.24 4.35 -2.94
C TRP A 256 -24.99 3.83 -1.54
N ARG A 257 -25.30 4.64 -0.52
CA ARG A 257 -24.96 4.27 0.86
C ARG A 257 -25.56 2.92 1.21
N ALA A 258 -24.85 2.16 2.03
CA ALA A 258 -25.38 0.96 2.66
C ALA A 258 -25.10 1.04 4.18
N ARG A 259 -25.87 0.30 4.98
CA ARG A 259 -25.93 0.42 6.43
C ARG A 259 -25.87 1.92 6.76
N PRO A 260 -26.96 2.65 6.48
CA PRO A 260 -26.98 4.13 6.55
C PRO A 260 -26.79 4.68 7.94
N ASP A 261 -27.02 3.85 8.97
CA ASP A 261 -26.76 4.27 10.33
C ASP A 261 -25.34 3.98 10.85
N TRP A 262 -24.49 3.44 9.98
CA TRP A 262 -23.13 2.96 10.36
C TRP A 262 -22.16 3.92 9.80
N LYS A 263 -21.32 4.46 10.68
CA LYS A 263 -20.29 5.42 10.30
C LYS A 263 -19.18 5.48 11.39
N ILE A 264 -17.91 5.53 10.93
CA ILE A 264 -16.74 5.76 11.83
C ILE A 264 -16.14 7.08 11.42
N SER A 265 -15.84 7.90 12.40
CA SER A 265 -15.01 9.07 12.22
C SER A 265 -13.71 8.78 12.96
N TRP A 266 -12.57 8.86 12.27
CA TRP A 266 -11.26 8.47 12.90
C TRP A 266 -10.77 9.56 13.85
N GLU A 267 -10.20 9.15 14.97
CA GLU A 267 -9.57 10.11 15.91
C GLU A 267 -8.42 10.84 15.36
N GLY A 268 -7.60 10.22 14.52
CA GLY A 268 -6.41 10.88 13.93
C GLY A 268 -6.58 11.19 12.45
N ASN A 269 -5.46 11.23 11.74
CA ASN A 269 -5.42 11.38 10.27
C ASN A 269 -4.75 10.17 9.62
N PRO A 270 -5.46 9.02 9.60
CA PRO A 270 -4.80 7.78 9.12
C PRO A 270 -4.34 7.87 7.67
N ASN A 271 -3.19 7.29 7.38
CA ASN A 271 -2.64 7.25 6.01
C ASN A 271 -2.67 5.80 5.47
N ALA A 272 -3.14 4.82 6.26
CA ALA A 272 -3.23 3.42 5.76
C ALA A 272 -4.24 2.63 6.56
N PHE A 273 -4.76 1.55 5.95
CA PHE A 273 -5.79 0.75 6.55
C PHE A 273 -5.54 -0.74 6.30
N ALA A 274 -5.99 -1.59 7.20
CA ALA A 274 -6.09 -3.01 6.98
C ALA A 274 -7.31 -3.63 7.63
N LEU A 275 -7.86 -4.64 6.96
CA LEU A 275 -9.00 -5.40 7.46
C LEU A 275 -8.59 -6.82 7.92
N SER A 276 -8.84 -7.14 9.18
CA SER A 276 -8.67 -8.51 9.70
C SER A 276 -9.90 -8.89 10.53
N TYR A 277 -10.94 -9.34 9.84
CA TYR A 277 -12.31 -9.59 10.42
C TYR A 277 -12.24 -10.21 11.81
N PRO A 278 -12.99 -9.71 12.82
CA PRO A 278 -13.97 -8.63 12.75
C PRO A 278 -13.36 -7.21 12.98
N TYR A 279 -12.07 -6.99 12.70
CA TYR A 279 -11.47 -5.67 13.02
C TYR A 279 -11.10 -4.85 11.80
N ILE A 280 -11.16 -3.52 11.95
CA ILE A 280 -10.68 -2.60 10.93
C ILE A 280 -9.65 -1.77 11.67
N LEU A 281 -8.43 -1.72 11.10
CA LEU A 281 -7.30 -1.03 11.75
C LEU A 281 -6.91 0.20 10.91
N ALA A 282 -6.87 1.37 11.55
CA ALA A 282 -6.42 2.63 10.90
C ALA A 282 -5.05 3.02 11.40
N PHE A 283 -4.02 3.12 10.53
CA PHE A 283 -2.66 3.52 11.00
C PHE A 283 -2.46 5.01 10.76
N GLU A 284 -2.05 5.75 11.79
CA GLU A 284 -1.71 7.18 11.72
C GLU A 284 -0.32 7.28 12.34
N PRO A 285 0.43 8.39 12.11
CA PRO A 285 1.81 8.39 12.63
C PRO A 285 1.96 8.16 14.14
N ASN A 286 1.00 8.58 14.96
CA ASN A 286 1.14 8.50 16.42
C ASN A 286 0.29 7.44 17.03
N PHE A 287 -0.53 6.76 16.25
CA PHE A 287 -1.29 5.63 16.84
C PHE A 287 -2.03 4.77 15.86
N ILE A 288 -2.26 3.54 16.26
CA ILE A 288 -3.13 2.63 15.52
C ILE A 288 -4.49 2.58 16.25
N GLU A 289 -5.57 2.83 15.52
CA GLU A 289 -6.94 2.75 16.04
C GLU A 289 -7.62 1.51 15.54
N ILE A 290 -8.09 0.69 16.45
CA ILE A 290 -8.78 -0.58 16.11
C ILE A 290 -10.30 -0.57 16.47
N ARG A 291 -11.16 -0.66 15.42
CA ARG A 291 -12.62 -0.73 15.57
C ARG A 291 -13.20 -2.08 15.09
N HIS A 292 -14.35 -2.44 15.70
CA HIS A 292 -15.22 -3.57 15.30
C HIS A 292 -16.04 -3.28 14.05
N ILE A 293 -15.87 -4.06 12.99
CA ILE A 293 -16.56 -3.84 11.73
C ILE A 293 -18.10 -3.94 11.79
N GLU A 294 -18.65 -4.74 12.70
CA GLU A 294 -20.11 -4.83 12.84
C GLU A 294 -20.68 -3.69 13.63
N THR A 295 -20.14 -3.47 14.83
CA THR A 295 -20.75 -2.50 15.72
C THR A 295 -20.21 -1.09 15.57
N SER A 296 -18.99 -0.95 15.03
CA SER A 296 -18.26 0.31 14.78
C SER A 296 -17.67 0.89 16.01
N GLU A 297 -17.78 0.17 17.11
CA GLU A 297 -17.22 0.59 18.37
C GLU A 297 -15.67 0.46 18.43
N LEU A 298 -15.09 1.29 19.27
CA LEU A 298 -13.67 1.35 19.57
C LEU A 298 -13.26 0.13 20.38
N ILE A 299 -12.26 -0.61 19.90
CA ILE A 299 -11.71 -1.77 20.64
C ILE A 299 -10.40 -1.43 21.32
N HIS A 300 -9.44 -0.82 20.62
CA HIS A 300 -8.09 -0.59 21.18
C HIS A 300 -7.41 0.56 20.43
N ILE A 301 -6.67 1.36 21.18
CA ILE A 301 -5.71 2.29 20.60
C ILE A 301 -4.28 1.83 21.01
N MET A 302 -3.37 1.73 20.04
CA MET A 302 -1.90 1.39 20.33
C MET A 302 -1.05 2.62 19.99
N THR A 303 -0.51 3.32 20.99
CA THR A 303 0.17 4.59 20.71
C THR A 303 1.64 4.30 20.32
N GLY A 304 2.30 5.26 19.68
CA GLY A 304 3.71 5.17 19.37
C GLY A 304 4.15 6.34 18.57
N LYS A 305 5.26 6.16 17.91
CA LYS A 305 5.90 7.22 17.17
C LYS A 305 6.38 6.80 15.77
N ASN A 306 6.05 7.58 14.75
CA ASN A 306 6.40 7.29 13.37
C ASN A 306 5.99 5.84 12.99
N ILE A 307 4.73 5.52 13.22
CA ILE A 307 4.15 4.22 12.85
C ILE A 307 3.87 4.22 11.38
N ARG A 308 4.33 3.21 10.66
CA ARG A 308 4.15 3.05 9.18
C ARG A 308 3.56 1.64 8.96
N MET A 309 2.39 1.53 8.34
CA MET A 309 1.93 0.21 7.93
C MET A 309 2.76 -0.31 6.75
N LEU A 310 3.36 -1.49 6.86
CA LEU A 310 4.23 -1.99 5.77
C LEU A 310 3.56 -2.89 4.74
N HIS A 311 2.74 -3.84 5.18
CA HIS A 311 2.15 -4.84 4.30
C HIS A 311 1.03 -5.57 5.07
N SER A 312 -0.05 -5.81 4.37
CA SER A 312 -1.17 -6.52 4.89
C SER A 312 -1.43 -7.77 4.00
N SER A 313 -1.41 -8.95 4.58
CA SER A 313 -1.78 -10.19 3.80
C SER A 313 -2.75 -11.05 4.63
N THR A 314 -3.23 -12.16 4.05
CA THR A 314 -4.13 -13.07 4.77
C THR A 314 -3.43 -13.59 6.01
N ARG A 315 -2.08 -13.68 5.95
CA ARG A 315 -1.22 -14.12 7.08
C ARG A 315 -1.15 -13.14 8.27
N GLU A 316 -0.81 -11.88 7.99
CA GLU A 316 -0.47 -10.94 9.05
C GLU A 316 -0.43 -9.53 8.52
N ILE A 317 -0.39 -8.59 9.44
CA ILE A 317 -0.12 -7.18 9.11
C ILE A 317 1.25 -6.86 9.67
N LEU A 318 2.17 -6.47 8.79
CA LEU A 318 3.49 -6.02 9.20
C LEU A 318 3.55 -4.47 9.25
N TYR A 319 4.19 -3.95 10.30
CA TYR A 319 4.30 -2.52 10.49
C TYR A 319 5.59 -2.18 11.22
N ALA A 320 6.05 -0.91 11.11
CA ALA A 320 7.21 -0.39 11.82
C ALA A 320 6.89 0.78 12.74
N TYR A 321 7.70 0.94 13.78
CA TYR A 321 7.60 2.06 14.71
C TYR A 321 8.97 2.39 15.31
N GLU A 322 9.17 3.65 15.72
CA GLU A 322 10.40 4.10 16.44
C GLU A 322 10.26 3.79 17.92
N ASP A 323 11.33 3.34 18.53
CA ASP A 323 11.37 3.12 19.96
C ASP A 323 12.62 3.83 20.51
N GLU A 324 12.78 3.95 21.82
CA GLU A 324 13.95 4.75 22.28
C GLU A 324 15.26 3.92 22.28
N GLY A 325 16.44 4.53 22.27
CA GLY A 325 16.85 5.36 21.20
C GLY A 325 17.99 4.74 20.37
N GLY A 326 18.11 5.09 19.12
CA GLY A 326 17.06 5.27 18.21
C GLY A 326 16.98 3.91 17.52
N GLU A 327 16.11 3.03 18.04
CA GLU A 327 15.77 1.77 17.41
C GLU A 327 14.61 2.00 16.42
N ASP A 328 14.61 1.28 15.29
CA ASP A 328 13.47 1.22 14.41
C ASP A 328 13.01 -0.23 14.59
N VAL A 329 11.71 -0.48 14.72
CA VAL A 329 11.28 -1.84 15.04
C VAL A 329 10.27 -2.32 13.97
N VAL A 330 10.46 -3.52 13.50
CA VAL A 330 9.49 -4.23 12.66
C VAL A 330 8.69 -5.26 13.47
N ALA A 331 7.36 -5.22 13.31
CA ALA A 331 6.44 -6.09 14.10
C ALA A 331 5.32 -6.64 13.27
N SER A 332 4.65 -7.64 13.82
CA SER A 332 3.57 -8.35 13.16
C SER A 332 2.31 -8.35 14.02
N LEU A 333 1.17 -8.11 13.41
CA LEU A 333 -0.13 -8.28 14.13
C LEU A 333 -0.85 -9.42 13.48
N ASP A 334 -1.28 -10.41 14.27
CA ASP A 334 -2.11 -11.49 13.66
C ASP A 334 -3.30 -11.89 14.54
N PHE A 335 -4.48 -11.94 13.91
CA PHE A 335 -5.75 -12.21 14.63
C PHE A 335 -6.25 -13.65 14.46
N TRP A 336 -6.73 -14.23 15.55
CA TRP A 336 -7.22 -15.61 15.58
C TRP A 336 -8.17 -15.93 16.76
N ASN A 337 -9.17 -16.78 16.49
CA ASN A 337 -10.27 -17.08 17.41
C ASN A 337 -10.71 -18.54 17.31
#